data_5EP3
#
_entry.id   5EP3
#
_cell.length_a   76.527
_cell.length_b   76.527
_cell.length_c   82.259
_cell.angle_alpha   90.000
_cell.angle_beta   90.000
_cell.angle_gamma   120.000
#
_symmetry.space_group_name_H-M   'P 61'
#
loop_
_entity.id
_entity.type
_entity.pdbx_description
1 polymer 'Putative repressor protein luxO'
2 non-polymer '2,2-dimethylpropyl 2-[(3-oxidanylidene-5-sulfanylidene-2~{H}-1,2,4-triazin-6-yl)amino]ethanoate'
3 non-polymer 'SULFATE ION'
4 non-polymer '4-(2-HYDROXYETHYL)-1-PIPERAZINE ETHANESULFONIC ACID'
5 non-polymer 1,2-ETHANEDIOL
6 water water
#
_entity_poly.entity_id   1
_entity_poly.type   'polypeptide(L)'
_entity_poly.pdbx_seq_one_letter_code
;MGFIGNSLPMQAVYRVIESAASSKATVFITGESGTGKEVCAEAIHAASPRHDKPFIALNCAAIPKDLIESELFGHVKGAF
TGASTERQGAVEMAHNGTLMLDELCEMDLDLQSKLLRFIQTGTYQKVGSSKMSSVDVRFVCATNRNPWEEVQEGRFREDL
YYRLHVIPISLPPLRERGGDIIEIAHALLGLMSLEEGKSFSRFSEPVLRLFESYSWPGNVRELQNVIRNIVVLNTDDEVK
LEMVPPPILEHHHHHH
;
_entity_poly.pdbx_strand_id   A
#
loop_
_chem_comp.id
_chem_comp.type
_chem_comp.name
_chem_comp.formula
5QT non-polymer '2,2-dimethylpropyl 2-[(3-oxidanylidene-5-sulfanylidene-2~{H}-1,2,4-triazin-6-yl)amino]ethanoate' 'C10 H16 N4 O3 S'
EDO non-polymer 1,2-ETHANEDIOL 'C2 H6 O2'
EPE non-polymer '4-(2-HYDROXYETHYL)-1-PIPERAZINE ETHANESULFONIC ACID' 'C8 H18 N2 O4 S'
SO4 non-polymer 'SULFATE ION' 'O4 S -2'
#
# COMPACT_ATOMS: atom_id res chain seq x y z
N GLY A 2 7.02 -5.25 8.22
CA GLY A 2 5.87 -6.13 8.15
C GLY A 2 6.02 -7.19 7.08
N PHE A 3 7.07 -7.04 6.27
CA PHE A 3 7.34 -8.01 5.22
C PHE A 3 7.76 -9.35 5.83
N ILE A 4 7.37 -10.42 5.15
CA ILE A 4 7.73 -11.77 5.53
C ILE A 4 8.54 -12.38 4.39
N GLY A 5 9.67 -12.98 4.74
CA GLY A 5 10.40 -13.74 3.76
C GLY A 5 11.81 -13.24 3.47
N ASN A 6 12.65 -14.15 3.00
CA ASN A 6 14.05 -13.86 2.69
C ASN A 6 14.38 -14.16 1.23
N SER A 7 13.38 -14.15 0.34
CA SER A 7 13.63 -14.46 -1.07
C SER A 7 14.57 -13.44 -1.68
N LEU A 8 15.30 -13.88 -2.71
CA LEU A 8 16.25 -13.03 -3.41
C LEU A 8 15.68 -11.68 -3.82
N PRO A 9 14.52 -11.59 -4.49
CA PRO A 9 14.05 -10.26 -4.90
C PRO A 9 13.61 -9.39 -3.73
N MET A 10 13.14 -9.98 -2.64
CA MET A 10 12.77 -9.15 -1.48
C MET A 10 13.99 -8.64 -0.76
N GLN A 11 15.11 -9.38 -0.80
CA GLN A 11 16.31 -8.90 -0.12
C GLN A 11 16.87 -7.66 -0.80
N ALA A 12 16.69 -7.54 -2.12
CA ALA A 12 17.04 -6.29 -2.79
C ALA A 12 16.15 -5.15 -2.32
N VAL A 13 14.84 -5.41 -2.18
CA VAL A 13 13.92 -4.43 -1.65
C VAL A 13 14.34 -3.99 -0.26
N TYR A 14 14.70 -4.95 0.61
CA TYR A 14 15.09 -4.62 1.98
C TYR A 14 16.31 -3.71 2.01
N ARG A 15 17.27 -3.94 1.10
CA ARG A 15 18.45 -3.09 1.08
C ARG A 15 18.11 -1.67 0.68
N VAL A 16 17.19 -1.49 -0.28
CA VAL A 16 16.75 -0.16 -0.66
C VAL A 16 16.02 0.52 0.50
N ILE A 17 15.17 -0.24 1.20
CA ILE A 17 14.43 0.33 2.33
C ILE A 17 15.39 0.85 3.39
N GLU A 18 16.40 0.05 3.72
CA GLU A 18 17.35 0.46 4.74
C GLU A 18 18.11 1.71 4.31
N SER A 19 18.57 1.76 3.06
CA SER A 19 19.32 2.92 2.61
C SER A 19 18.43 4.14 2.46
N ALA A 20 17.22 3.97 1.93
CA ALA A 20 16.34 5.11 1.73
C ALA A 20 15.82 5.68 3.04
N ALA A 21 15.76 4.86 4.09
CA ALA A 21 15.08 5.29 5.32
C ALA A 21 15.78 6.49 5.96
N SER A 22 17.10 6.56 5.86
CA SER A 22 17.84 7.69 6.45
C SER A 22 17.78 8.94 5.59
N SER A 23 17.24 8.86 4.39
CA SER A 23 17.08 10.02 3.52
C SER A 23 15.66 10.56 3.62
N LYS A 24 15.51 11.84 3.30
CA LYS A 24 14.18 12.42 3.14
C LYS A 24 13.70 12.36 1.69
N ALA A 25 14.49 11.81 0.78
CA ALA A 25 14.09 11.74 -0.62
C ALA A 25 12.79 10.96 -0.74
N THR A 26 11.93 11.42 -1.65
CA THR A 26 10.65 10.76 -1.87
C THR A 26 10.84 9.38 -2.46
N VAL A 27 10.07 8.42 -1.93
CA VAL A 27 10.04 7.06 -2.42
C VAL A 27 8.78 6.87 -3.26
N PHE A 28 8.92 6.18 -4.39
CA PHE A 28 7.83 5.95 -5.32
C PHE A 28 7.72 4.44 -5.55
N ILE A 29 6.71 3.82 -4.94
CA ILE A 29 6.55 2.37 -4.95
C ILE A 29 5.59 1.97 -6.06
N THR A 30 5.99 0.98 -6.85
CA THR A 30 5.13 0.41 -7.87
C THR A 30 5.15 -1.11 -7.72
N GLY A 31 4.26 -1.75 -8.44
CA GLY A 31 4.13 -3.20 -8.40
C GLY A 31 2.70 -3.59 -8.66
N GLU A 32 2.50 -4.88 -8.93
CA GLU A 32 1.16 -5.37 -9.22
C GLU A 32 0.27 -5.25 -8.00
N SER A 33 -1.04 -5.33 -8.23
CA SER A 33 -1.99 -5.24 -7.13
C SER A 33 -1.73 -6.35 -6.12
N GLY A 34 -1.73 -5.99 -4.84
CA GLY A 34 -1.54 -6.99 -3.81
C GLY A 34 -0.11 -7.32 -3.48
N THR A 35 0.86 -6.47 -3.85
CA THR A 35 2.24 -6.80 -3.58
C THR A 35 2.78 -6.20 -2.29
N GLY A 36 2.02 -5.34 -1.62
CA GLY A 36 2.39 -4.85 -0.31
C GLY A 36 2.99 -3.45 -0.27
N LYS A 37 2.34 -2.51 -0.94
CA LYS A 37 2.91 -1.16 -1.04
C LYS A 37 2.86 -0.43 0.30
N GLU A 38 1.77 -0.59 1.05
CA GLU A 38 1.69 0.07 2.35
C GLU A 38 2.62 -0.58 3.36
N VAL A 39 2.78 -1.91 3.27
CA VAL A 39 3.76 -2.58 4.11
C VAL A 39 5.15 -2.03 3.83
N CYS A 40 5.46 -1.80 2.56
CA CYS A 40 6.76 -1.22 2.21
C CYS A 40 6.89 0.20 2.75
N ALA A 41 5.83 0.99 2.59
CA ALA A 41 5.85 2.37 3.07
C ALA A 41 6.07 2.42 4.58
N GLU A 42 5.37 1.57 5.32
CA GLU A 42 5.54 1.58 6.78
C GLU A 42 6.94 1.13 7.16
N ALA A 43 7.52 0.17 6.41
CA ALA A 43 8.84 -0.32 6.74
C ALA A 43 9.90 0.76 6.55
N ILE A 44 9.73 1.60 5.53
CA ILE A 44 10.64 2.72 5.35
C ILE A 44 10.58 3.65 6.56
N HIS A 45 9.37 3.97 7.01
CA HIS A 45 9.20 4.81 8.19
C HIS A 45 9.85 4.19 9.41
N ALA A 46 9.62 2.89 9.63
CA ALA A 46 10.10 2.25 10.84
C ALA A 46 11.63 2.22 10.89
N ALA A 47 12.28 2.15 9.75
CA ALA A 47 13.74 2.14 9.70
C ALA A 47 14.34 3.54 9.73
N SER A 48 13.52 4.57 9.62
CA SER A 48 13.98 5.95 9.49
C SER A 48 14.16 6.58 10.85
N PRO A 49 14.91 7.68 10.93
CA PRO A 49 15.01 8.42 12.21
C PRO A 49 13.67 8.97 12.68
N ARG A 50 12.66 9.00 11.81
CA ARG A 50 11.33 9.48 12.16
C ARG A 50 10.45 8.39 12.77
N HIS A 51 11.01 7.21 13.04
CA HIS A 51 10.17 6.05 13.38
C HIS A 51 9.26 6.32 14.57
N ASP A 52 9.67 7.18 15.51
CA ASP A 52 8.82 7.45 16.66
C ASP A 52 7.77 8.52 16.40
N LYS A 53 7.81 9.15 15.23
CA LYS A 53 6.77 10.06 14.79
C LYS A 53 5.73 9.30 13.98
N PRO A 54 4.59 9.93 13.64
CA PRO A 54 3.50 9.18 13.01
C PRO A 54 3.80 8.72 11.58
N PHE A 55 3.23 7.57 11.23
CA PHE A 55 3.13 7.12 9.86
C PHE A 55 1.66 7.20 9.47
N ILE A 56 1.36 7.97 8.42
CA ILE A 56 0.00 8.19 7.98
C ILE A 56 -0.14 7.73 6.53
N ALA A 57 -1.13 6.88 6.27
CA ALA A 57 -1.42 6.44 4.92
C ALA A 57 -2.73 7.08 4.47
N LEU A 58 -2.68 7.78 3.34
CA LEU A 58 -3.86 8.32 2.66
C LEU A 58 -4.13 7.46 1.43
N ASN A 59 -5.21 6.67 1.48
CA ASN A 59 -5.60 5.85 0.34
C ASN A 59 -6.55 6.66 -0.54
N CYS A 60 -6.00 7.22 -1.62
CA CYS A 60 -6.78 8.09 -2.50
C CYS A 60 -7.88 7.34 -3.24
N ALA A 61 -7.90 6.00 -3.19
CA ALA A 61 -8.95 5.23 -3.82
C ALA A 61 -10.14 5.00 -2.90
N ALA A 62 -9.90 4.84 -1.59
CA ALA A 62 -10.97 4.68 -0.62
C ALA A 62 -11.72 5.97 -0.33
N ILE A 63 -11.45 7.04 -1.10
CA ILE A 63 -12.03 8.35 -0.88
C ILE A 63 -12.62 8.85 -2.19
N PRO A 64 -13.79 9.49 -2.19
CA PRO A 64 -14.28 10.12 -3.43
C PRO A 64 -13.30 11.17 -3.91
N LYS A 65 -13.18 11.29 -5.24
CA LYS A 65 -12.15 12.14 -5.81
C LYS A 65 -12.32 13.59 -5.39
N ASP A 66 -13.57 14.05 -5.24
CA ASP A 66 -13.81 15.43 -4.82
C ASP A 66 -13.54 15.66 -3.34
N LEU A 67 -13.24 14.61 -2.58
CA LEU A 67 -12.96 14.75 -1.16
C LEU A 67 -11.52 14.41 -0.79
N ILE A 68 -10.67 14.07 -1.75
CA ILE A 68 -9.29 13.77 -1.42
C ILE A 68 -8.62 15.01 -0.82
N GLU A 69 -8.91 16.18 -1.36
CA GLU A 69 -8.25 17.40 -0.87
C GLU A 69 -8.60 17.64 0.59
N SER A 70 -9.87 17.47 0.96
CA SER A 70 -10.28 17.60 2.36
C SER A 70 -9.56 16.58 3.24
N GLU A 71 -9.43 15.34 2.77
CA GLU A 71 -8.72 14.33 3.57
C GLU A 71 -7.24 14.64 3.70
N LEU A 72 -6.65 15.20 2.65
CA LEU A 72 -5.22 15.46 2.62
C LEU A 72 -4.86 16.71 3.41
N PHE A 73 -5.52 17.84 3.13
CA PHE A 73 -5.17 19.13 3.72
C PHE A 73 -6.11 19.56 4.84
N GLY A 74 -7.20 18.83 5.07
CA GLY A 74 -8.17 19.23 6.07
C GLY A 74 -9.16 20.23 5.50
N HIS A 75 -10.17 20.55 6.32
CA HIS A 75 -11.12 21.59 5.95
C HIS A 75 -11.65 22.26 7.20
N VAL A 76 -12.19 23.46 7.02
CA VAL A 76 -12.83 24.18 8.10
C VAL A 76 -14.32 23.87 8.09
N LYS A 77 -14.96 24.02 9.25
CA LYS A 77 -16.40 23.81 9.35
C LYS A 77 -17.14 24.82 8.48
N GLY A 78 -17.95 24.32 7.56
CA GLY A 78 -18.64 25.15 6.61
C GLY A 78 -17.94 25.34 5.27
N ALA A 79 -16.82 24.67 5.05
CA ALA A 79 -16.08 24.81 3.79
C ALA A 79 -16.95 24.39 2.61
N PHE A 80 -17.60 23.24 2.71
CA PHE A 80 -18.57 22.81 1.71
C PHE A 80 -19.80 22.28 2.47
N THR A 81 -20.73 21.70 1.70
CA THR A 81 -22.06 21.43 2.22
C THR A 81 -22.03 20.51 3.44
N GLY A 82 -21.29 19.39 3.35
CA GLY A 82 -21.30 18.42 4.41
C GLY A 82 -20.24 18.61 5.47
N ALA A 83 -19.67 19.81 5.56
CA ALA A 83 -18.58 20.10 6.50
C ALA A 83 -19.18 20.41 7.87
N SER A 84 -19.60 19.36 8.56
CA SER A 84 -20.19 19.52 9.89
C SER A 84 -19.14 19.81 10.95
N THR A 85 -17.86 19.55 10.66
CA THR A 85 -16.80 19.70 11.64
C THR A 85 -15.54 20.19 10.95
N GLU A 86 -14.65 20.81 11.74
CA GLU A 86 -13.33 21.15 11.25
C GLU A 86 -12.47 19.90 11.28
N ARG A 87 -12.01 19.46 10.11
CA ARG A 87 -11.22 18.24 10.00
C ARG A 87 -9.74 18.58 9.84
N GLN A 88 -8.91 17.82 10.53
CA GLN A 88 -7.46 17.96 10.42
C GLN A 88 -6.98 17.04 9.31
N GLY A 89 -6.20 17.60 8.38
CA GLY A 89 -5.76 16.84 7.23
C GLY A 89 -4.68 15.82 7.56
N ALA A 90 -4.49 14.89 6.62
CA ALA A 90 -3.43 13.90 6.75
C ALA A 90 -2.06 14.55 6.89
N VAL A 91 -1.83 15.68 6.21
CA VAL A 91 -0.53 16.33 6.30
C VAL A 91 -0.25 16.77 7.73
N GLU A 92 -1.27 17.19 8.47
CA GLU A 92 -1.05 17.57 9.86
C GLU A 92 -0.84 16.35 10.73
N MET A 93 -1.59 15.27 10.48
CA MET A 93 -1.40 14.05 11.23
C MET A 93 0.02 13.50 11.06
N ALA A 94 0.64 13.76 9.91
CA ALA A 94 1.95 13.21 9.57
C ALA A 94 3.11 14.16 9.88
N HIS A 95 2.85 15.31 10.50
CA HIS A 95 3.92 16.28 10.75
C HIS A 95 5.03 15.64 11.58
N ASN A 96 6.27 15.85 11.13
CA ASN A 96 7.51 15.28 11.65
C ASN A 96 7.63 13.79 11.35
N GLY A 97 6.68 13.21 10.62
CA GLY A 97 6.73 11.80 10.28
C GLY A 97 6.68 11.55 8.78
N THR A 98 5.98 10.48 8.38
CA THR A 98 5.97 10.00 7.01
C THR A 98 4.53 9.95 6.53
N LEU A 99 4.29 10.47 5.32
CA LEU A 99 2.98 10.44 4.70
C LEU A 99 3.03 9.55 3.48
N MET A 100 2.19 8.52 3.45
CA MET A 100 2.07 7.68 2.28
C MET A 100 0.90 8.16 1.44
N LEU A 101 1.18 8.51 0.18
CA LEU A 101 0.15 8.90 -0.77
C LEU A 101 -0.13 7.65 -1.60
N ASP A 102 -1.09 6.86 -1.14
CA ASP A 102 -1.41 5.58 -1.75
C ASP A 102 -2.43 5.78 -2.87
N GLU A 103 -2.23 5.05 -3.97
CA GLU A 103 -3.02 5.20 -5.19
C GLU A 103 -3.10 6.67 -5.60
N LEU A 104 -1.92 7.30 -5.66
CA LEU A 104 -1.82 8.73 -5.86
C LEU A 104 -2.40 9.17 -7.21
N CYS A 105 -2.42 8.28 -8.20
CA CYS A 105 -2.90 8.68 -9.52
C CYS A 105 -4.41 8.86 -9.59
N GLU A 106 -5.12 8.65 -8.48
CA GLU A 106 -6.56 8.93 -8.43
C GLU A 106 -6.86 10.40 -8.26
N MET A 107 -5.89 11.20 -7.81
CA MET A 107 -6.09 12.64 -7.67
C MET A 107 -6.39 13.28 -9.02
N ASP A 108 -7.31 14.24 -9.03
CA ASP A 108 -7.55 15.01 -10.24
C ASP A 108 -6.41 16.01 -10.45
N LEU A 109 -6.36 16.58 -11.66
CA LEU A 109 -5.25 17.45 -12.02
C LEU A 109 -5.24 18.74 -11.20
N ASP A 110 -6.41 19.21 -10.76
CA ASP A 110 -6.44 20.41 -9.91
C ASP A 110 -5.75 20.15 -8.58
N LEU A 111 -6.02 18.99 -7.99
CA LEU A 111 -5.38 18.65 -6.72
C LEU A 111 -3.90 18.36 -6.92
N GLN A 112 -3.54 17.76 -8.06
CA GLN A 112 -2.14 17.52 -8.36
C GLN A 112 -1.34 18.81 -8.42
N SER A 113 -1.98 19.90 -8.87
CA SER A 113 -1.33 21.20 -8.84
C SER A 113 -1.09 21.67 -7.41
N LYS A 114 -2.09 21.53 -6.54
CA LYS A 114 -1.91 21.88 -5.14
C LYS A 114 -0.87 20.99 -4.47
N LEU A 115 -0.88 19.70 -4.79
CA LEU A 115 0.09 18.78 -4.20
C LEU A 115 1.51 19.14 -4.61
N LEU A 116 1.69 19.54 -5.87
CA LEU A 116 3.02 19.96 -6.34
C LEU A 116 3.56 21.13 -5.51
N ARG A 117 2.70 22.11 -5.24
CA ARG A 117 3.07 23.22 -4.36
C ARG A 117 3.50 22.71 -2.99
N PHE A 118 2.68 21.85 -2.38
CA PHE A 118 2.93 21.37 -1.03
C PHE A 118 4.22 20.55 -0.93
N ILE A 119 4.51 19.74 -1.96
CA ILE A 119 5.72 18.93 -1.94
C ILE A 119 6.96 19.81 -2.02
N GLN A 120 6.90 20.91 -2.76
CA GLN A 120 8.04 21.82 -2.84
C GLN A 120 8.23 22.58 -1.54
N THR A 121 7.19 23.31 -1.10
CA THR A 121 7.33 24.27 -0.02
C THR A 121 6.95 23.71 1.34
N GLY A 122 6.16 22.64 1.40
CA GLY A 122 5.60 22.22 2.66
C GLY A 122 4.39 23.01 3.11
N THR A 123 3.92 23.96 2.31
CA THR A 123 2.81 24.81 2.69
C THR A 123 1.52 24.34 2.06
N TYR A 124 0.40 24.67 2.72
CA TYR A 124 -0.90 24.19 2.30
C TYR A 124 -1.96 25.05 2.98
N GLN A 125 -3.18 24.93 2.49
CA GLN A 125 -4.36 25.56 3.08
C GLN A 125 -5.40 24.49 3.31
N LYS A 126 -6.08 24.57 4.46
CA LYS A 126 -7.29 23.78 4.66
C LYS A 126 -8.35 24.18 3.66
N VAL A 127 -9.16 23.21 3.24
CA VAL A 127 -10.24 23.52 2.31
C VAL A 127 -11.19 24.51 2.97
N GLY A 128 -11.53 25.57 2.25
CA GLY A 128 -12.39 26.62 2.75
C GLY A 128 -11.71 27.63 3.64
N SER A 129 -10.40 27.57 3.80
CA SER A 129 -9.65 28.51 4.61
C SER A 129 -8.62 29.22 3.77
N SER A 130 -8.31 30.45 4.16
CA SER A 130 -7.29 31.25 3.49
C SER A 130 -5.92 31.14 4.14
N LYS A 131 -5.86 30.69 5.39
CA LYS A 131 -4.60 30.71 6.14
C LYS A 131 -3.62 29.70 5.59
N MET A 132 -2.36 30.13 5.44
CA MET A 132 -1.29 29.22 5.08
C MET A 132 -0.75 28.53 6.31
N SER A 133 -0.45 27.24 6.18
CA SER A 133 0.20 26.47 7.22
CA SER A 133 0.20 26.47 7.22
C SER A 133 1.33 25.67 6.60
N SER A 134 2.18 25.09 7.44
CA SER A 134 3.25 24.26 6.89
C SER A 134 3.57 23.13 7.86
N VAL A 135 4.02 22.01 7.30
CA VAL A 135 4.40 20.81 8.05
C VAL A 135 5.65 20.23 7.40
N ASP A 136 6.28 19.29 8.12
CA ASP A 136 7.47 18.59 7.66
C ASP A 136 7.12 17.10 7.55
N VAL A 137 6.93 16.62 6.32
CA VAL A 137 6.59 15.22 6.09
C VAL A 137 7.59 14.62 5.10
N ARG A 138 7.94 13.36 5.33
CA ARG A 138 8.66 12.59 4.34
C ARG A 138 7.62 11.85 3.49
N PHE A 139 7.74 11.98 2.17
CA PHE A 139 6.74 11.44 1.26
C PHE A 139 7.09 10.03 0.81
N VAL A 140 6.07 9.18 0.75
CA VAL A 140 6.15 7.88 0.10
C VAL A 140 4.92 7.78 -0.80
N CYS A 141 5.15 7.63 -2.10
CA CYS A 141 4.09 7.53 -3.09
C CYS A 141 3.94 6.09 -3.55
N ALA A 142 2.72 5.72 -3.94
CA ALA A 142 2.50 4.37 -4.46
C ALA A 142 1.32 4.38 -5.42
N THR A 143 1.41 3.56 -6.45
CA THR A 143 0.29 3.41 -7.38
C THR A 143 0.34 2.03 -8.00
N ASN A 144 -0.84 1.52 -8.38
CA ASN A 144 -0.91 0.29 -9.15
C ASN A 144 -0.95 0.53 -10.64
N ARG A 145 -1.18 1.77 -11.06
CA ARG A 145 -1.06 2.13 -12.46
CA ARG A 145 -1.07 2.14 -12.46
C ARG A 145 0.41 2.21 -12.85
N ASN A 146 0.65 2.47 -14.13
CA ASN A 146 2.00 2.76 -14.61
C ASN A 146 2.16 4.28 -14.53
N PRO A 147 2.94 4.81 -13.58
CA PRO A 147 2.99 6.26 -13.41
C PRO A 147 3.46 6.99 -14.64
N TRP A 148 4.25 6.32 -15.47
CA TRP A 148 4.74 6.94 -16.70
C TRP A 148 3.66 6.96 -17.77
N GLU A 149 2.91 5.87 -17.92
CA GLU A 149 1.80 5.87 -18.87
C GLU A 149 0.74 6.88 -18.46
N GLU A 150 0.51 7.05 -17.14
CA GLU A 150 -0.40 8.08 -16.68
C GLU A 150 0.08 9.48 -17.06
N VAL A 151 1.40 9.70 -17.07
CA VAL A 151 1.92 10.97 -17.52
C VAL A 151 1.74 11.12 -19.03
N GLN A 152 1.94 10.03 -19.77
CA GLN A 152 1.81 10.10 -21.23
C GLN A 152 0.38 10.40 -21.63
N GLU A 153 -0.59 9.74 -21.00
CA GLU A 153 -1.99 9.95 -21.33
C GLU A 153 -2.55 11.23 -20.73
N GLY A 154 -1.68 12.12 -20.25
CA GLY A 154 -2.11 13.40 -19.75
C GLY A 154 -2.86 13.37 -18.44
N ARG A 155 -2.89 12.23 -17.75
CA ARG A 155 -3.67 12.11 -16.52
C ARG A 155 -2.88 12.46 -15.26
N PHE A 156 -1.56 12.64 -15.37
CA PHE A 156 -0.74 12.95 -14.22
C PHE A 156 0.28 14.01 -14.61
N ARG A 157 0.42 15.04 -13.77
CA ARG A 157 1.31 16.14 -14.07
C ARG A 157 2.74 15.66 -14.25
N GLU A 158 3.39 16.17 -15.30
CA GLU A 158 4.77 15.77 -15.58
C GLU A 158 5.73 16.31 -14.54
N ASP A 159 5.62 17.60 -14.21
CA ASP A 159 6.52 18.18 -13.23
C ASP A 159 6.33 17.57 -11.85
N LEU A 160 5.10 17.12 -11.55
CA LEU A 160 4.86 16.40 -10.30
C LEU A 160 5.56 15.04 -10.31
N TYR A 161 5.49 14.33 -11.44
CA TYR A 161 6.12 13.02 -11.53
C TYR A 161 7.62 13.09 -11.24
N TYR A 162 8.32 14.04 -11.87
CA TYR A 162 9.76 14.11 -11.69
C TYR A 162 10.17 14.70 -10.34
N ARG A 163 9.24 15.32 -9.63
CA ARG A 163 9.53 15.75 -8.27
CA ARG A 163 9.52 15.75 -8.27
C ARG A 163 9.38 14.60 -7.28
N LEU A 164 8.55 13.61 -7.60
CA LEU A 164 8.26 12.48 -6.73
C LEU A 164 9.10 11.24 -7.03
N HIS A 165 9.51 11.06 -8.28
CA HIS A 165 10.13 9.82 -8.71
C HIS A 165 11.65 9.86 -8.46
N VAL A 166 12.00 10.00 -7.19
CA VAL A 166 13.40 10.07 -6.78
C VAL A 166 13.93 8.69 -6.46
N ILE A 167 13.36 8.03 -5.46
CA ILE A 167 13.75 6.67 -5.10
C ILE A 167 12.63 5.71 -5.48
N PRO A 168 12.67 5.11 -6.68
CA PRO A 168 11.65 4.12 -7.04
C PRO A 168 11.92 2.77 -6.41
N ILE A 169 10.84 2.09 -6.03
CA ILE A 169 10.88 0.72 -5.54
C ILE A 169 9.83 -0.06 -6.31
N SER A 170 10.25 -1.15 -6.95
CA SER A 170 9.36 -2.04 -7.67
C SER A 170 9.23 -3.34 -6.88
N LEU A 171 8.04 -3.59 -6.31
CA LEU A 171 7.86 -4.78 -5.50
C LEU A 171 7.68 -6.02 -6.38
N PRO A 172 8.34 -7.13 -6.05
CA PRO A 172 8.22 -8.33 -6.87
C PRO A 172 6.85 -8.99 -6.69
N PRO A 173 6.31 -9.57 -7.76
CA PRO A 173 5.06 -10.33 -7.62
C PRO A 173 5.26 -11.56 -6.76
N LEU A 174 4.15 -11.99 -6.14
CA LEU A 174 4.22 -13.12 -5.23
C LEU A 174 4.80 -14.37 -5.90
N ARG A 175 4.51 -14.56 -7.19
CA ARG A 175 4.94 -15.77 -7.88
C ARG A 175 6.45 -15.88 -7.97
N GLU A 176 7.17 -14.76 -7.88
CA GLU A 176 8.62 -14.73 -7.99
C GLU A 176 9.33 -14.73 -6.65
N ARG A 177 8.59 -14.87 -5.54
CA ARG A 177 9.17 -14.71 -4.21
C ARG A 177 9.51 -16.04 -3.55
N GLY A 178 9.61 -17.12 -4.34
CA GLY A 178 10.09 -18.39 -3.82
C GLY A 178 9.47 -18.86 -2.53
N GLY A 179 10.29 -19.08 -1.51
CA GLY A 179 9.79 -19.59 -0.25
C GLY A 179 8.92 -18.64 0.52
N ASP A 180 8.84 -17.36 0.11
CA ASP A 180 8.02 -16.39 0.83
C ASP A 180 6.55 -16.76 0.79
N ILE A 181 6.10 -17.37 -0.32
CA ILE A 181 4.68 -17.69 -0.48
C ILE A 181 4.18 -18.55 0.66
N ILE A 182 4.90 -19.63 0.96
CA ILE A 182 4.44 -20.56 1.99
C ILE A 182 4.62 -19.95 3.37
N GLU A 183 5.68 -19.16 3.57
CA GLU A 183 5.85 -18.50 4.85
C GLU A 183 4.73 -17.50 5.12
N ILE A 184 4.34 -16.74 4.09
CA ILE A 184 3.20 -15.83 4.23
C ILE A 184 1.91 -16.61 4.45
N ALA A 185 1.76 -17.73 3.73
CA ALA A 185 0.56 -18.54 3.86
C ALA A 185 0.43 -19.09 5.28
N HIS A 186 1.54 -19.51 5.88
CA HIS A 186 1.52 -20.00 7.25
C HIS A 186 1.12 -18.90 8.23
N ALA A 187 1.63 -17.69 8.02
CA ALA A 187 1.26 -16.60 8.91
C ALA A 187 -0.22 -16.27 8.79
N LEU A 188 -0.72 -16.26 7.56
CA LEU A 188 -2.13 -15.99 7.32
C LEU A 188 -3.00 -17.11 7.88
N LEU A 189 -2.53 -18.36 7.78
CA LEU A 189 -3.32 -19.48 8.31
C LEU A 189 -3.53 -19.36 9.80
N GLY A 190 -2.48 -19.00 10.54
CA GLY A 190 -2.62 -18.83 11.98
C GLY A 190 -3.49 -17.64 12.34
N LEU A 191 -3.30 -16.52 11.64
CA LEU A 191 -4.06 -15.32 11.95
C LEU A 191 -5.54 -15.49 11.61
N MET A 192 -5.85 -16.04 10.44
CA MET A 192 -7.24 -16.23 10.07
CA MET A 192 -7.25 -16.21 10.10
C MET A 192 -7.90 -17.30 10.94
N SER A 193 -7.14 -18.30 11.38
CA SER A 193 -7.69 -19.26 12.34
C SER A 193 -8.09 -18.56 13.63
N LEU A 194 -7.26 -17.62 14.11
CA LEU A 194 -7.60 -16.88 15.31
C LEU A 194 -8.84 -16.01 15.09
N GLU A 195 -8.93 -15.40 13.91
CA GLU A 195 -10.05 -14.52 13.61
C GLU A 195 -11.36 -15.30 13.49
N GLU A 196 -11.30 -16.54 13.02
CA GLU A 196 -12.49 -17.35 12.76
C GLU A 196 -12.77 -18.38 13.84
N GLY A 197 -11.93 -18.46 14.88
CA GLY A 197 -12.12 -19.47 15.91
C GLY A 197 -11.79 -20.88 15.48
N LYS A 198 -10.90 -21.05 14.50
CA LYS A 198 -10.51 -22.36 14.01
C LYS A 198 -9.10 -22.66 14.50
N SER A 199 -8.52 -23.76 14.01
CA SER A 199 -7.20 -24.17 14.48
C SER A 199 -6.44 -24.90 13.38
N PHE A 200 -6.38 -24.29 12.19
CA PHE A 200 -5.53 -24.83 11.13
C PHE A 200 -4.07 -24.54 11.45
N SER A 201 -3.21 -25.56 11.27
CA SER A 201 -1.80 -25.41 11.59
C SER A 201 -0.85 -25.83 10.48
N ARG A 202 -1.32 -26.46 9.41
CA ARG A 202 -0.40 -26.93 8.38
C ARG A 202 -1.15 -27.08 7.08
N PHE A 203 -0.39 -27.12 5.99
CA PHE A 203 -0.90 -27.41 4.66
C PHE A 203 -0.42 -28.80 4.23
N SER A 204 -1.29 -29.54 3.57
CA SER A 204 -0.86 -30.81 3.00
C SER A 204 0.12 -30.55 1.86
N GLU A 205 0.91 -31.58 1.54
CA GLU A 205 1.91 -31.43 0.47
C GLU A 205 1.32 -31.04 -0.87
N PRO A 206 0.18 -31.59 -1.33
CA PRO A 206 -0.39 -31.10 -2.60
C PRO A 206 -0.72 -29.62 -2.57
N VAL A 207 -1.23 -29.12 -1.44
CA VAL A 207 -1.55 -27.70 -1.35
C VAL A 207 -0.30 -26.85 -1.42
N LEU A 208 0.77 -27.29 -0.76
CA LEU A 208 2.05 -26.58 -0.83
C LEU A 208 2.57 -26.54 -2.26
N ARG A 209 2.51 -27.67 -2.98
CA ARG A 209 2.95 -27.66 -4.37
C ARG A 209 2.10 -26.72 -5.21
N LEU A 210 0.79 -26.73 -4.99
CA LEU A 210 -0.09 -25.86 -5.77
C LEU A 210 0.20 -24.39 -5.49
N PHE A 211 0.35 -24.03 -4.21
CA PHE A 211 0.64 -22.66 -3.85
C PHE A 211 1.99 -22.21 -4.40
N GLU A 212 2.96 -23.12 -4.48
CA GLU A 212 4.27 -22.71 -4.96
C GLU A 212 4.36 -22.64 -6.48
N SER A 213 3.43 -23.25 -7.22
CA SER A 213 3.46 -23.16 -8.67
C SER A 213 2.38 -22.26 -9.27
N TYR A 214 1.34 -21.92 -8.52
CA TYR A 214 0.29 -21.04 -9.02
C TYR A 214 0.84 -19.62 -9.22
N SER A 215 0.31 -18.93 -10.24
CA SER A 215 0.87 -17.64 -10.64
C SER A 215 0.41 -16.47 -9.74
N TRP A 216 -0.60 -16.66 -8.91
CA TRP A 216 -1.09 -15.64 -7.99
C TRP A 216 -1.23 -14.27 -8.67
N PRO A 217 -2.09 -14.16 -9.70
CA PRO A 217 -2.24 -12.85 -10.35
C PRO A 217 -2.72 -11.76 -9.40
N GLY A 218 -3.41 -12.12 -8.33
CA GLY A 218 -3.82 -11.17 -7.31
C GLY A 218 -2.86 -11.00 -6.18
N ASN A 219 -1.75 -11.73 -6.21
CA ASN A 219 -0.60 -11.61 -5.28
C ASN A 219 -1.11 -11.86 -3.85
N VAL A 220 -0.63 -11.11 -2.86
CA VAL A 220 -0.91 -11.47 -1.47
C VAL A 220 -2.38 -11.27 -1.12
N ARG A 221 -3.05 -10.33 -1.79
CA ARG A 221 -4.50 -10.18 -1.61
C ARG A 221 -5.24 -11.45 -2.02
N GLU A 222 -4.87 -12.03 -3.16
CA GLU A 222 -5.51 -13.28 -3.57
C GLU A 222 -5.18 -14.41 -2.61
N LEU A 223 -3.94 -14.45 -2.11
CA LEU A 223 -3.58 -15.45 -1.11
C LEU A 223 -4.40 -15.28 0.16
N GLN A 224 -4.57 -14.03 0.62
CA GLN A 224 -5.47 -13.77 1.74
C GLN A 224 -6.88 -14.28 1.48
N ASN A 225 -7.41 -14.03 0.27
CA ASN A 225 -8.75 -14.52 -0.09
C ASN A 225 -8.81 -16.04 0.02
N VAL A 226 -7.80 -16.72 -0.53
CA VAL A 226 -7.80 -18.18 -0.55
C VAL A 226 -7.73 -18.73 0.86
N ILE A 227 -6.84 -18.18 1.70
CA ILE A 227 -6.72 -18.66 3.07
C ILE A 227 -8.01 -18.40 3.85
N ARG A 228 -8.62 -17.23 3.66
CA ARG A 228 -9.89 -16.94 4.33
CA ARG A 228 -9.89 -16.96 4.34
C ARG A 228 -10.99 -17.89 3.85
N ASN A 229 -11.06 -18.11 2.54
CA ASN A 229 -12.03 -19.07 2.01
C ASN A 229 -11.88 -20.42 2.70
N ILE A 230 -10.64 -20.89 2.82
CA ILE A 230 -10.40 -22.21 3.38
C ILE A 230 -10.80 -22.25 4.85
N VAL A 231 -10.40 -21.26 5.64
CA VAL A 231 -10.64 -21.30 7.07
C VAL A 231 -12.14 -21.11 7.37
N VAL A 232 -12.82 -20.26 6.59
CA VAL A 232 -14.24 -20.03 6.83
C VAL A 232 -15.07 -21.25 6.46
N LEU A 233 -14.71 -21.94 5.37
CA LEU A 233 -15.56 -23.00 4.85
C LEU A 233 -15.20 -24.39 5.39
N ASN A 234 -14.14 -24.53 6.17
CA ASN A 234 -13.67 -25.85 6.58
C ASN A 234 -13.26 -25.82 8.04
N THR A 235 -13.24 -27.00 8.65
CA THR A 235 -12.82 -27.17 10.04
C THR A 235 -11.89 -28.37 10.10
N ASP A 236 -10.61 -28.13 10.34
CA ASP A 236 -9.60 -29.19 10.30
C ASP A 236 -8.31 -28.60 10.86
N ASP A 237 -7.35 -29.49 11.13
CA ASP A 237 -5.99 -29.05 11.45
C ASP A 237 -5.18 -28.79 10.20
N GLU A 238 -5.54 -29.46 9.10
CA GLU A 238 -4.72 -29.49 7.90
C GLU A 238 -5.54 -29.02 6.72
N VAL A 239 -4.94 -28.16 5.90
CA VAL A 239 -5.55 -27.74 4.64
C VAL A 239 -5.33 -28.84 3.60
N LYS A 240 -6.42 -29.38 3.08
CA LYS A 240 -6.38 -30.43 2.10
C LYS A 240 -6.70 -29.89 0.71
N LEU A 241 -6.26 -30.62 -0.31
CA LEU A 241 -6.35 -30.10 -1.68
C LEU A 241 -7.79 -29.82 -2.07
N GLU A 242 -8.72 -30.65 -1.62
CA GLU A 242 -10.14 -30.45 -1.94
C GLU A 242 -10.70 -29.17 -1.36
N MET A 243 -10.01 -28.54 -0.41
CA MET A 243 -10.47 -27.30 0.20
C MET A 243 -10.09 -26.05 -0.59
N VAL A 244 -9.15 -26.17 -1.53
CA VAL A 244 -8.66 -25.01 -2.27
C VAL A 244 -9.74 -24.55 -3.25
N PRO A 245 -10.16 -23.29 -3.21
CA PRO A 245 -11.29 -22.85 -4.05
C PRO A 245 -10.85 -22.68 -5.50
N PRO A 246 -11.82 -22.52 -6.42
CA PRO A 246 -11.47 -22.09 -7.78
C PRO A 246 -11.00 -20.64 -7.75
N PRO A 247 -10.26 -20.19 -8.77
CA PRO A 247 -9.87 -20.92 -9.99
C PRO A 247 -8.49 -21.52 -9.86
N ILE A 248 -8.02 -21.73 -8.63
CA ILE A 248 -6.61 -21.99 -8.40
C ILE A 248 -6.13 -23.18 -9.21
N LEU A 249 -6.82 -24.33 -9.08
CA LEU A 249 -6.43 -25.50 -9.87
C LEU A 249 -6.76 -25.33 -11.34
N GLU A 250 -7.91 -24.74 -11.65
CA GLU A 250 -8.39 -24.70 -13.04
C GLU A 250 -7.54 -23.78 -13.90
N HIS A 251 -7.38 -22.52 -13.47
CA HIS A 251 -6.54 -21.59 -14.22
C HIS A 251 -5.07 -21.98 -14.20
N HIS A 252 -4.62 -22.73 -13.18
CA HIS A 252 -3.25 -23.22 -13.15
C HIS A 252 -2.93 -24.16 -14.30
N HIS A 253 -3.95 -24.82 -14.87
CA HIS A 253 -3.76 -25.71 -15.99
C HIS A 253 -4.11 -25.08 -17.34
N HIS A 254 -4.88 -23.98 -17.33
CA HIS A 254 -5.24 -23.23 -18.53
C HIS A 254 -5.87 -24.12 -19.60
C11 5QT B . 2.25 -8.65 3.15
C14 5QT B . 4.79 -9.95 3.02
C17 5QT B . 3.09 -8.74 1.91
C01 5QT B . 1.02 -11.89 6.74
C02 5QT B . 0.41 -10.96 7.80
C03 5QT B . -0.10 -11.86 8.97
C04 5QT B . 1.48 -10.00 8.36
C05 5QT B . -0.79 -10.13 7.18
O06 5QT B . -0.41 -8.89 6.52
C07 5QT B . -0.43 -8.85 5.13
O08 5QT B . -0.71 -9.85 4.50
C09 5QT B . 0.28 -7.64 4.43
N10 5QT B . 1.03 -8.03 3.19
N12 5QT B . 2.83 -9.32 4.37
N13 5QT B . 3.93 -9.87 4.30
O15 5QT B . 5.86 -10.54 3.14
N16 5QT B . 4.27 -9.36 1.91
S18 5QT B . 2.46 -8.03 0.60
S SO4 C . -1.05 -3.05 -2.78
O1 SO4 C . -1.21 -1.60 -2.76
O2 SO4 C . -0.74 -3.55 -1.44
O3 SO4 C . -2.28 -3.66 -3.27
O4 SO4 C . 0.05 -3.39 -3.69
N1 EPE D . 11.26 17.72 0.11
C2 EPE D . 11.64 19.03 0.66
C3 EPE D . 10.36 19.81 0.95
N4 EPE D . 9.59 19.13 1.97
C5 EPE D . 9.92 17.74 2.25
C6 EPE D . 10.42 16.94 1.04
C7 EPE D . 9.04 19.93 3.04
C8 EPE D . 8.40 19.09 4.14
O8 EPE D . 7.13 18.62 3.72
C9 EPE D . 12.49 16.97 -0.21
C10 EPE D . 12.11 15.73 -0.99
S EPE D . 13.43 15.22 -2.13
O1S EPE D . 14.65 15.10 -1.35
O2S EPE D . 13.63 16.24 -3.16
O3S EPE D . 13.05 13.95 -2.75
C1 EDO E . -19.33 -23.92 9.53
O1 EDO E . -19.70 -22.67 10.12
C2 EDO E . -17.87 -23.85 9.08
O2 EDO E . -17.07 -23.41 10.17
#